data_5ORQ
#
_entry.id   5ORQ
#
_cell.length_a   114.831
_cell.length_b   114.831
_cell.length_c   83.545
_cell.angle_alpha   90.000
_cell.angle_beta   90.000
_cell.angle_gamma   90.000
#
_symmetry.space_group_name_H-M   'P 41 21 2'
#
loop_
_entity.id
_entity.type
_entity.pdbx_description
1 polymer cPPR-Telo1
2 polymer "DNA (5'-D(P*TP*TP*AP*GP*GP*GP*TP*TP*AP*G)-3')"
3 water water
#
loop_
_entity_poly.entity_id
_entity_poly.type
_entity_poly.pdbx_seq_one_letter_code
_entity_poly.pdbx_strand_id
1 'polypeptide(L)'
;NSVTYNTLISGLGKAGRLEEALELFEE(MSE)KEKGIVPDVVTYNTLISGLGKAGRLEEALELFEE(MSE)KEKGIVPDV
VTYTTLISGLGKAGRLEEALELFEE(MSE)KEKGIVPNVVTYTTLISGLGKAGRLEEALELFEE(MSE)KEKGIVPDVVT
YTTLISGLGKAGRLEEALELFEE(MSE)KEKGIVPDVVTYTTLISGLGKAGRLEEALELFEE(MSE)KEKGIVPDVVTYN
TLISGLGKAGRLEEALELFEE(MSE)KEKGIVPDVVTYNTLISGLGKAGRLEEALELFEE(MSE)KEKGIVPDVVTYTTL
ISGLGKAGRLEEALELFEE(MSE)KEKGIVPNVVTYTTLISGLGKAGRLEEALELFEE(MSE)KEKGIVPDVVTYTTLIS
GLGK
;
A
2 'polydeoxyribonucleotide' (DT)(DT)(DA)(DG)(DG)(DG)(DT)(DT)(DA)(DG) B
#
# COMPACT_ATOMS: atom_id res chain seq x y z
N ASN A 1 7.02 -26.35 27.83
CA ASN A 1 7.48 -26.09 26.47
C ASN A 1 6.47 -25.31 25.61
N SER A 2 5.14 -25.54 25.83
CA SER A 2 4.07 -24.86 25.08
C SER A 2 4.20 -23.34 25.19
N VAL A 3 4.36 -22.83 26.43
CA VAL A 3 4.49 -21.40 26.72
C VAL A 3 5.80 -20.82 26.17
N THR A 4 6.94 -21.54 26.34
CA THR A 4 8.24 -21.06 25.83
C THR A 4 8.22 -20.91 24.29
N TYR A 5 7.76 -21.95 23.56
CA TYR A 5 7.65 -21.98 22.10
C TYR A 5 6.72 -20.87 21.54
N ASN A 6 5.56 -20.67 22.20
CA ASN A 6 4.59 -19.65 21.83
C ASN A 6 5.13 -18.23 22.01
N THR A 7 5.85 -17.97 23.12
CA THR A 7 6.49 -16.67 23.42
C THR A 7 7.57 -16.37 22.36
N LEU A 8 8.30 -17.42 21.93
CA LEU A 8 9.39 -17.38 20.94
C LEU A 8 8.88 -16.99 19.55
N ILE A 9 7.87 -17.72 19.02
CA ILE A 9 7.25 -17.46 17.71
C ILE A 9 6.62 -16.07 17.73
N SER A 10 5.86 -15.74 18.82
CA SER A 10 5.21 -14.42 18.99
C SER A 10 6.26 -13.31 19.06
N GLY A 11 7.42 -13.63 19.62
CA GLY A 11 8.57 -12.74 19.73
C GLY A 11 9.24 -12.52 18.39
N LEU A 12 9.56 -13.61 17.66
CA LEU A 12 10.16 -13.59 16.31
C LEU A 12 9.23 -12.86 15.32
N GLY A 13 7.92 -13.15 15.39
CA GLY A 13 6.90 -12.50 14.56
C GLY A 13 6.91 -11.00 14.78
N LYS A 14 6.94 -10.60 16.06
CA LYS A 14 7.02 -9.19 16.49
C LYS A 14 8.31 -8.54 15.96
N ALA A 15 9.41 -9.30 15.90
CA ALA A 15 10.71 -8.85 15.40
C ALA A 15 10.80 -8.86 13.85
N GLY A 16 9.73 -9.29 13.19
CA GLY A 16 9.63 -9.34 11.72
C GLY A 16 10.30 -10.53 11.06
N ARG A 17 10.66 -11.56 11.84
CA ARG A 17 11.29 -12.76 11.30
C ARG A 17 10.26 -13.85 11.02
N LEU A 18 9.37 -13.56 10.04
CA LEU A 18 8.26 -14.44 9.65
C LEU A 18 8.69 -15.87 9.31
N GLU A 19 9.67 -16.05 8.40
CA GLU A 19 10.16 -17.39 8.01
C GLU A 19 10.71 -18.21 9.17
N GLU A 20 11.44 -17.54 10.09
CA GLU A 20 12.01 -18.17 11.29
C GLU A 20 10.89 -18.55 12.25
N ALA A 21 9.85 -17.66 12.37
CA ALA A 21 8.67 -17.90 13.21
C ALA A 21 7.90 -19.11 12.67
N LEU A 22 7.68 -19.16 11.34
CA LEU A 22 6.99 -20.25 10.63
C LEU A 22 7.72 -21.59 10.86
N GLU A 23 9.08 -21.55 10.85
CA GLU A 23 9.94 -22.71 11.08
C GLU A 23 9.71 -23.29 12.47
N LEU A 24 9.79 -22.46 13.54
CA LEU A 24 9.56 -22.91 14.92
C LEU A 24 8.13 -23.38 15.14
N PHE A 25 7.17 -22.78 14.38
CA PHE A 25 5.76 -23.15 14.40
C PHE A 25 5.58 -24.58 13.86
N GLU A 26 6.22 -24.88 12.72
CA GLU A 26 6.21 -26.22 12.12
C GLU A 26 6.89 -27.24 13.07
N GLU A 27 8.05 -26.83 13.65
CA GLU A 27 8.86 -27.59 14.62
C GLU A 27 8.03 -27.93 15.88
N LYS A 29 4.67 -28.12 15.99
CA LYS A 29 3.62 -29.01 15.51
C LYS A 29 4.19 -30.41 15.20
N GLU A 30 5.51 -30.51 14.85
CA GLU A 30 6.16 -31.82 14.61
C GLU A 30 6.25 -32.57 15.94
N LYS A 31 6.60 -31.84 17.03
CA LYS A 31 6.75 -32.36 18.39
C LYS A 31 5.42 -32.51 19.15
N GLY A 32 4.31 -32.33 18.44
CA GLY A 32 2.95 -32.46 18.96
C GLY A 32 2.49 -31.45 20.00
N ILE A 33 3.20 -30.32 20.15
CA ILE A 33 2.79 -29.31 21.12
C ILE A 33 1.85 -28.30 20.43
N VAL A 34 0.74 -27.95 21.11
CA VAL A 34 -0.33 -27.14 20.56
C VAL A 34 -0.03 -25.59 20.59
N PRO A 35 -0.09 -24.94 19.40
CA PRO A 35 0.10 -23.47 19.36
C PRO A 35 -1.11 -22.74 19.94
N ASP A 36 -0.90 -21.56 20.55
CA ASP A 36 -2.02 -20.80 21.11
C ASP A 36 -2.57 -19.77 20.09
N VAL A 37 -3.68 -19.08 20.42
CA VAL A 37 -4.34 -18.11 19.52
C VAL A 37 -3.41 -16.91 19.18
N VAL A 38 -2.60 -16.45 20.15
CA VAL A 38 -1.67 -15.34 19.95
C VAL A 38 -0.66 -15.75 18.86
N THR A 39 -0.12 -16.99 18.94
CA THR A 39 0.78 -17.55 17.92
C THR A 39 0.10 -17.55 16.54
N TYR A 40 -1.10 -18.15 16.43
CA TYR A 40 -1.85 -18.18 15.17
C TYR A 40 -2.12 -16.76 14.63
N ASN A 41 -2.56 -15.82 15.51
CA ASN A 41 -2.83 -14.44 15.08
C ASN A 41 -1.57 -13.74 14.58
N THR A 42 -0.43 -13.97 15.23
CA THR A 42 0.86 -13.37 14.87
C THR A 42 1.28 -13.82 13.47
N LEU A 43 1.18 -15.12 13.20
CA LEU A 43 1.54 -15.74 11.92
C LEU A 43 0.59 -15.32 10.82
N ILE A 44 -0.71 -15.33 11.13
CA ILE A 44 -1.74 -14.87 10.19
C ILE A 44 -1.49 -13.42 9.78
N SER A 45 -1.14 -12.55 10.75
CA SER A 45 -0.82 -11.16 10.43
C SER A 45 0.42 -11.05 9.54
N GLY A 46 1.51 -11.74 9.92
CA GLY A 46 2.76 -11.75 9.17
C GLY A 46 2.55 -12.18 7.73
N LEU A 47 1.84 -13.28 7.51
CA LEU A 47 1.49 -13.81 6.18
C LEU A 47 0.66 -12.81 5.36
N GLY A 48 -0.35 -12.21 5.97
CA GLY A 48 -1.21 -11.20 5.35
C GLY A 48 -0.42 -10.00 4.90
N LYS A 49 0.46 -9.48 5.78
CA LYS A 49 1.33 -8.32 5.51
C LYS A 49 2.38 -8.62 4.42
N ALA A 50 2.72 -9.91 4.21
CA ALA A 50 3.67 -10.37 3.20
C ALA A 50 2.94 -10.68 1.87
N GLY A 51 1.63 -10.49 1.85
CA GLY A 51 0.76 -10.73 0.70
C GLY A 51 0.32 -12.18 0.56
N ARG A 52 0.88 -13.06 1.42
CA ARG A 52 0.61 -14.51 1.45
C ARG A 52 -0.72 -14.80 2.14
N LEU A 53 -1.80 -14.31 1.53
CA LEU A 53 -3.17 -14.40 2.03
C LEU A 53 -3.74 -15.80 1.96
N GLU A 54 -3.40 -16.58 0.91
CA GLU A 54 -3.90 -17.96 0.84
C GLU A 54 -3.34 -18.81 1.98
N GLU A 55 -2.07 -18.59 2.34
CA GLU A 55 -1.40 -19.24 3.47
C GLU A 55 -2.05 -18.80 4.80
N ALA A 56 -2.37 -17.48 4.94
CA ALA A 56 -3.05 -16.92 6.12
C ALA A 56 -4.40 -17.60 6.33
N LEU A 57 -5.21 -17.72 5.25
CA LEU A 57 -6.51 -18.37 5.24
C LEU A 57 -6.39 -19.88 5.53
N GLU A 58 -5.27 -20.52 5.13
CA GLU A 58 -5.01 -21.94 5.40
C GLU A 58 -4.79 -22.12 6.91
N LEU A 59 -3.98 -21.23 7.54
CA LEU A 59 -3.76 -21.24 9.00
C LEU A 59 -5.05 -20.99 9.78
N PHE A 60 -5.92 -20.10 9.26
CA PHE A 60 -7.23 -19.79 9.86
C PHE A 60 -8.07 -21.07 9.87
N GLU A 61 -8.05 -21.82 8.74
CA GLU A 61 -8.76 -23.10 8.67
C GLU A 61 -8.16 -24.12 9.65
N GLU A 62 -6.81 -24.21 9.70
CA GLU A 62 -6.05 -25.10 10.58
C GLU A 62 -6.38 -24.91 12.07
N LYS A 64 -9.13 -23.63 13.39
CA LYS A 64 -10.53 -24.02 13.59
C LYS A 64 -10.61 -25.55 13.74
N GLU A 65 -9.89 -26.28 12.86
CA GLU A 65 -9.81 -27.75 12.84
C GLU A 65 -9.20 -28.28 14.13
N LYS A 66 -8.16 -27.59 14.67
CA LYS A 66 -7.45 -27.96 15.90
C LYS A 66 -8.17 -27.55 17.19
N GLY A 67 -9.36 -26.96 17.06
CA GLY A 67 -10.16 -26.52 18.19
C GLY A 67 -9.73 -25.21 18.84
N ILE A 68 -8.84 -24.44 18.17
CA ILE A 68 -8.37 -23.12 18.64
C ILE A 68 -9.37 -22.10 18.07
N VAL A 69 -10.14 -21.44 18.94
CA VAL A 69 -11.22 -20.55 18.55
C VAL A 69 -10.72 -19.15 18.13
N PRO A 70 -10.96 -18.74 16.86
CA PRO A 70 -10.60 -17.38 16.44
C PRO A 70 -11.30 -16.32 17.29
N ASP A 71 -10.59 -15.21 17.51
CA ASP A 71 -11.15 -14.12 18.30
C ASP A 71 -11.26 -12.86 17.43
N VAL A 72 -11.64 -11.72 18.04
CA VAL A 72 -11.78 -10.43 17.32
C VAL A 72 -10.48 -10.10 16.56
N VAL A 73 -9.31 -10.39 17.16
CA VAL A 73 -8.00 -10.13 16.55
C VAL A 73 -7.81 -10.99 15.31
N THR A 74 -8.10 -12.30 15.39
CA THR A 74 -8.01 -13.18 14.21
C THR A 74 -8.83 -12.66 13.04
N TYR A 75 -10.11 -12.38 13.28
CA TYR A 75 -10.99 -11.90 12.19
C TYR A 75 -10.59 -10.57 11.66
N THR A 76 -10.22 -9.63 12.55
CA THR A 76 -9.83 -8.28 12.10
C THR A 76 -8.58 -8.34 11.21
N THR A 77 -7.62 -9.20 11.59
CA THR A 77 -6.38 -9.32 10.79
C THR A 77 -6.68 -9.83 9.37
N LEU A 78 -7.52 -10.86 9.27
CA LEU A 78 -7.89 -11.44 7.97
C LEU A 78 -8.73 -10.46 7.14
N ILE A 79 -9.66 -9.74 7.78
CA ILE A 79 -10.49 -8.75 7.11
C ILE A 79 -9.57 -7.66 6.55
N SER A 80 -8.54 -7.26 7.31
CA SER A 80 -7.55 -6.29 6.86
C SER A 80 -6.79 -6.78 5.60
N GLY A 81 -6.23 -7.99 5.66
CA GLY A 81 -5.50 -8.61 4.56
C GLY A 81 -6.36 -8.77 3.31
N LEU A 82 -7.58 -9.29 3.45
CA LEU A 82 -8.52 -9.44 2.33
C LEU A 82 -8.88 -8.07 1.70
N GLY A 83 -9.14 -7.08 2.53
CA GLY A 83 -9.46 -5.73 2.09
C GLY A 83 -8.35 -5.07 1.29
N LYS A 84 -7.10 -5.25 1.75
CA LYS A 84 -5.90 -4.69 1.10
C LYS A 84 -5.63 -5.31 -0.26
N ALA A 85 -6.09 -6.54 -0.45
CA ALA A 85 -5.97 -7.31 -1.69
C ALA A 85 -7.21 -7.12 -2.62
N GLY A 86 -8.05 -6.12 -2.32
CA GLY A 86 -9.27 -5.82 -3.07
C GLY A 86 -10.34 -6.89 -3.00
N ARG A 87 -10.23 -7.83 -2.05
CA ARG A 87 -11.18 -8.92 -1.86
C ARG A 87 -12.24 -8.52 -0.82
N LEU A 88 -12.97 -7.42 -1.12
CA LEU A 88 -14.00 -6.85 -0.26
C LEU A 88 -15.13 -7.77 0.08
N GLU A 89 -15.67 -8.51 -0.90
CA GLU A 89 -16.80 -9.41 -0.63
C GLU A 89 -16.42 -10.46 0.40
N GLU A 90 -15.21 -11.06 0.25
CA GLU A 90 -14.72 -12.06 1.23
C GLU A 90 -14.46 -11.42 2.58
N ALA A 91 -13.93 -10.19 2.62
CA ALA A 91 -13.70 -9.48 3.90
C ALA A 91 -15.05 -9.30 4.61
N LEU A 92 -16.09 -8.85 3.87
CA LEU A 92 -17.44 -8.68 4.43
C LEU A 92 -18.08 -10.02 4.85
N GLU A 93 -17.85 -11.10 4.08
CA GLU A 93 -18.34 -12.44 4.43
C GLU A 93 -17.77 -12.89 5.79
N LEU A 94 -16.47 -12.63 6.01
CA LEU A 94 -15.79 -12.96 7.25
C LEU A 94 -16.34 -12.13 8.42
N PHE A 95 -16.68 -10.85 8.17
CA PHE A 95 -17.32 -9.97 9.15
C PHE A 95 -18.71 -10.51 9.53
N GLU A 96 -19.49 -11.02 8.54
CA GLU A 96 -20.80 -11.59 8.85
C GLU A 96 -20.63 -12.90 9.62
N GLU A 97 -19.62 -13.73 9.28
CA GLU A 97 -19.29 -14.99 9.99
C GLU A 97 -18.95 -14.75 11.47
N LYS A 99 -19.82 -12.28 13.46
CA LYS A 99 -21.04 -11.81 14.14
C LYS A 99 -21.96 -12.99 14.41
N GLU A 100 -22.16 -13.89 13.42
CA GLU A 100 -22.98 -15.11 13.57
C GLU A 100 -22.38 -16.02 14.66
N LYS A 101 -21.05 -16.01 14.81
CA LYS A 101 -20.35 -16.80 15.82
C LYS A 101 -20.28 -16.13 17.21
N GLY A 102 -20.94 -14.98 17.37
CA GLY A 102 -20.98 -14.25 18.63
C GLY A 102 -19.69 -13.53 19.01
N ILE A 103 -18.78 -13.34 18.03
CA ILE A 103 -17.52 -12.61 18.23
C ILE A 103 -17.86 -11.15 17.94
N VAL A 104 -17.64 -10.27 18.94
CA VAL A 104 -18.00 -8.87 18.90
C VAL A 104 -16.98 -8.01 18.13
N PRO A 105 -17.39 -7.38 17.00
CA PRO A 105 -16.43 -6.49 16.31
C PRO A 105 -16.23 -5.22 17.14
N ASN A 106 -15.10 -4.57 17.00
CA ASN A 106 -14.86 -3.35 17.77
C ASN A 106 -14.50 -2.22 16.82
N VAL A 107 -14.03 -1.08 17.36
CA VAL A 107 -13.63 0.09 16.57
C VAL A 107 -12.58 -0.28 15.51
N VAL A 108 -11.64 -1.17 15.87
CA VAL A 108 -10.58 -1.59 14.95
C VAL A 108 -11.20 -2.38 13.77
N THR A 109 -12.13 -3.31 14.07
CA THR A 109 -12.75 -4.12 13.02
C THR A 109 -13.50 -3.20 12.04
N TYR A 110 -14.31 -2.31 12.59
CA TYR A 110 -15.07 -1.39 11.73
C TYR A 110 -14.16 -0.46 10.94
N THR A 111 -13.07 0.05 11.53
CA THR A 111 -12.15 0.96 10.83
C THR A 111 -11.47 0.22 9.66
N THR A 112 -11.12 -1.06 9.88
CA THR A 112 -10.50 -1.90 8.88
C THR A 112 -11.45 -2.05 7.63
N LEU A 113 -12.73 -2.28 7.87
CA LEU A 113 -13.70 -2.41 6.77
C LEU A 113 -13.91 -1.10 6.06
N ILE A 114 -13.94 0.01 6.79
CA ILE A 114 -14.07 1.36 6.26
C ILE A 114 -12.90 1.63 5.32
N SER A 115 -11.68 1.21 5.72
CA SER A 115 -10.48 1.33 4.90
C SER A 115 -10.58 0.51 3.61
N GLY A 116 -10.92 -0.78 3.72
CA GLY A 116 -11.04 -1.64 2.55
C GLY A 116 -12.11 -1.15 1.58
N LEU A 117 -13.26 -0.66 2.13
CA LEU A 117 -14.35 -0.12 1.29
C LEU A 117 -13.89 1.15 0.55
N GLY A 118 -13.22 2.05 1.26
CA GLY A 118 -12.75 3.31 0.71
C GLY A 118 -11.73 3.12 -0.40
N LYS A 119 -10.83 2.12 -0.23
CA LYS A 119 -9.78 1.78 -1.22
C LYS A 119 -10.38 1.14 -2.47
N ALA A 120 -11.51 0.43 -2.33
CA ALA A 120 -12.19 -0.17 -3.47
C ALA A 120 -13.16 0.86 -4.13
N GLY A 121 -13.06 2.13 -3.74
CA GLY A 121 -13.89 3.22 -4.23
C GLY A 121 -15.34 3.21 -3.75
N ARG A 122 -15.70 2.22 -2.89
CA ARG A 122 -17.04 2.02 -2.29
C ARG A 122 -17.17 2.92 -1.07
N LEU A 123 -16.97 4.21 -1.30
CA LEU A 123 -16.95 5.27 -0.31
C LEU A 123 -18.28 5.50 0.37
N GLU A 124 -19.39 5.43 -0.40
CA GLU A 124 -20.72 5.57 0.19
C GLU A 124 -20.96 4.49 1.23
N GLU A 125 -20.58 3.24 0.90
CA GLU A 125 -20.68 2.08 1.80
C GLU A 125 -19.84 2.32 3.07
N ALA A 126 -18.64 2.94 2.92
CA ALA A 126 -17.74 3.27 4.04
C ALA A 126 -18.39 4.35 4.91
N LEU A 127 -19.09 5.32 4.28
CA LEU A 127 -19.79 6.35 5.02
C LEU A 127 -20.96 5.74 5.79
N GLU A 128 -21.66 4.77 5.18
CA GLU A 128 -22.81 4.08 5.79
C GLU A 128 -22.35 3.21 6.97
N LEU A 129 -21.16 2.55 6.82
CA LEU A 129 -20.60 1.71 7.87
C LEU A 129 -20.16 2.56 9.07
N PHE A 130 -19.63 3.77 8.80
CA PHE A 130 -19.26 4.77 9.80
C PHE A 130 -20.50 5.19 10.62
N GLU A 131 -21.67 5.39 9.96
CA GLU A 131 -22.95 5.72 10.62
C GLU A 131 -23.43 4.52 11.45
N GLU A 132 -23.32 3.32 10.89
CA GLU A 132 -23.69 2.06 11.53
C GLU A 132 -22.90 1.78 12.82
N LYS A 134 -21.49 4.08 14.78
CA LYS A 134 -22.00 5.04 15.76
C LYS A 134 -23.33 4.62 16.40
N GLU A 135 -24.24 4.01 15.61
CA GLU A 135 -25.54 3.51 16.08
C GLU A 135 -25.38 2.35 17.08
N LYS A 136 -24.27 1.62 17.00
CA LYS A 136 -23.99 0.49 17.89
C LYS A 136 -23.26 0.92 19.19
N GLY A 137 -23.02 2.23 19.32
CA GLY A 137 -22.33 2.84 20.45
C GLY A 137 -20.82 2.70 20.36
N ILE A 138 -20.29 2.38 19.17
CA ILE A 138 -18.85 2.26 18.95
C ILE A 138 -18.37 3.67 18.62
N VAL A 139 -17.42 4.19 19.42
CA VAL A 139 -16.92 5.54 19.26
C VAL A 139 -15.71 5.59 18.28
N PRO A 140 -15.83 6.36 17.17
CA PRO A 140 -14.67 6.45 16.23
C PRO A 140 -13.54 7.23 16.88
N ASP A 141 -12.31 6.84 16.62
CA ASP A 141 -11.15 7.55 17.15
C ASP A 141 -10.47 8.32 15.98
N VAL A 142 -9.24 8.80 16.18
CA VAL A 142 -8.47 9.57 15.19
C VAL A 142 -8.20 8.74 13.93
N VAL A 143 -8.01 7.42 14.10
CA VAL A 143 -7.75 6.47 13.02
C VAL A 143 -8.97 6.31 12.13
N THR A 144 -10.17 6.13 12.74
CA THR A 144 -11.42 5.98 12.01
C THR A 144 -11.68 7.22 11.14
N TYR A 145 -11.57 8.43 11.74
CA TYR A 145 -11.82 9.65 10.98
C TYR A 145 -10.84 9.80 9.81
N THR A 146 -9.54 9.61 10.08
CA THR A 146 -8.45 9.75 9.11
C THR A 146 -8.68 8.80 7.94
N THR A 147 -9.14 7.56 8.23
CA THR A 147 -9.48 6.55 7.24
C THR A 147 -10.51 7.07 6.23
N LEU A 148 -11.63 7.61 6.73
CA LEU A 148 -12.69 8.15 5.91
C LEU A 148 -12.24 9.40 5.15
N ILE A 149 -11.49 10.31 5.84
CA ILE A 149 -10.95 11.53 5.24
C ILE A 149 -10.10 11.13 4.01
N SER A 150 -9.29 10.06 4.13
CA SER A 150 -8.46 9.47 3.07
C SER A 150 -9.31 8.97 1.90
N GLY A 151 -10.37 8.21 2.20
CA GLY A 151 -11.31 7.72 1.20
C GLY A 151 -11.93 8.88 0.45
N LEU A 152 -12.40 9.90 1.19
CA LEU A 152 -13.00 11.08 0.56
C LEU A 152 -11.99 11.83 -0.34
N GLY A 153 -10.79 12.05 0.16
CA GLY A 153 -9.75 12.76 -0.57
C GLY A 153 -9.34 12.03 -1.84
N LYS A 154 -9.25 10.70 -1.77
CA LYS A 154 -8.91 9.85 -2.91
C LYS A 154 -9.99 9.89 -4.00
N ALA A 155 -11.27 10.08 -3.64
CA ALA A 155 -12.36 10.24 -4.60
C ALA A 155 -12.49 11.72 -5.08
N GLY A 156 -11.55 12.57 -4.66
CA GLY A 156 -11.53 13.99 -4.98
C GLY A 156 -12.60 14.80 -4.27
N ARG A 157 -13.20 14.23 -3.21
CA ARG A 157 -14.26 14.89 -2.45
C ARG A 157 -13.62 15.63 -1.27
N LEU A 158 -12.81 16.66 -1.61
CA LEU A 158 -12.01 17.41 -0.65
C LEU A 158 -12.82 18.28 0.26
N GLU A 159 -13.90 18.93 -0.22
CA GLU A 159 -14.78 19.73 0.62
C GLU A 159 -15.38 18.87 1.72
N GLU A 160 -15.82 17.64 1.37
CA GLU A 160 -16.36 16.71 2.37
C GLU A 160 -15.26 16.19 3.27
N ALA A 161 -14.04 15.97 2.74
CA ALA A 161 -12.92 15.49 3.57
C ALA A 161 -12.56 16.55 4.62
N LEU A 162 -12.55 17.86 4.22
CA LEU A 162 -12.27 18.95 5.17
C LEU A 162 -13.40 19.14 6.18
N GLU A 163 -14.66 18.95 5.75
CA GLU A 163 -15.85 19.05 6.63
C GLU A 163 -15.72 17.98 7.75
N LEU A 164 -15.32 16.74 7.36
CA LEU A 164 -15.13 15.64 8.30
C LEU A 164 -13.99 15.92 9.28
N PHE A 165 -12.88 16.49 8.77
CA PHE A 165 -11.74 16.95 9.58
C PHE A 165 -12.21 17.99 10.63
N GLU A 166 -13.06 18.95 10.24
CA GLU A 166 -13.59 19.97 11.17
C GLU A 166 -14.50 19.34 12.23
N GLU A 167 -15.41 18.43 11.79
CA GLU A 167 -16.34 17.67 12.66
C GLU A 167 -15.53 16.89 13.71
N LYS A 169 -12.44 17.54 14.90
CA LYS A 169 -11.87 18.48 15.86
C LYS A 169 -12.95 19.00 16.82
N GLU A 170 -14.18 19.21 16.31
CA GLU A 170 -15.36 19.68 17.06
C GLU A 170 -15.74 18.67 18.13
N LYS A 171 -15.53 17.37 17.85
CA LYS A 171 -15.80 16.27 18.78
C LYS A 171 -14.61 16.03 19.75
N GLY A 172 -13.60 16.90 19.69
CA GLY A 172 -12.44 16.84 20.59
C GLY A 172 -11.41 15.79 20.23
N ILE A 173 -11.49 15.21 19.01
CA ILE A 173 -10.51 14.22 18.56
C ILE A 173 -9.37 15.00 17.90
N VAL A 174 -8.15 14.89 18.48
CA VAL A 174 -7.00 15.67 18.04
C VAL A 174 -6.31 15.05 16.80
N PRO A 175 -6.17 15.80 15.68
CA PRO A 175 -5.46 15.23 14.50
C PRO A 175 -3.99 15.01 14.81
N ASP A 176 -3.38 13.99 14.19
CA ASP A 176 -1.96 13.75 14.37
C ASP A 176 -1.30 13.94 12.98
N VAL A 177 0.03 13.67 12.87
CA VAL A 177 0.77 13.81 11.61
C VAL A 177 0.11 13.04 10.43
N VAL A 178 -0.54 11.89 10.72
CA VAL A 178 -1.20 11.05 9.73
C VAL A 178 -2.43 11.75 9.15
N THR A 179 -3.29 12.34 10.02
CA THR A 179 -4.48 13.09 9.59
C THR A 179 -4.05 14.25 8.67
N TYR A 180 -3.06 15.06 9.07
CA TYR A 180 -2.61 16.21 8.27
C TYR A 180 -2.00 15.78 6.92
N THR A 181 -1.18 14.74 6.92
CA THR A 181 -0.52 14.20 5.72
C THR A 181 -1.57 13.69 4.71
N THR A 182 -2.63 13.03 5.21
CA THR A 182 -3.75 12.52 4.42
C THR A 182 -4.37 13.70 3.65
N LEU A 183 -4.69 14.79 4.38
CA LEU A 183 -5.26 15.99 3.77
C LEU A 183 -4.30 16.66 2.81
N ILE A 184 -3.00 16.76 3.16
CA ILE A 184 -1.95 17.35 2.30
C ILE A 184 -1.92 16.57 0.96
N SER A 185 -2.02 15.23 1.02
CA SER A 185 -2.07 14.35 -0.15
C SER A 185 -3.31 14.64 -1.00
N GLY A 186 -4.50 14.63 -0.39
CA GLY A 186 -5.77 14.90 -1.05
C GLY A 186 -5.80 16.25 -1.75
N LEU A 187 -5.32 17.29 -1.05
CA LEU A 187 -5.27 18.64 -1.62
C LEU A 187 -4.31 18.72 -2.83
N GLY A 188 -3.14 18.14 -2.66
CA GLY A 188 -2.10 18.07 -3.68
C GLY A 188 -2.57 17.37 -4.94
N LYS A 189 -3.38 16.30 -4.77
CA LYS A 189 -3.95 15.53 -5.88
C LYS A 189 -5.13 16.22 -6.60
N ALA A 190 -5.82 17.16 -5.92
CA ALA A 190 -6.97 17.87 -6.49
C ALA A 190 -6.57 19.23 -7.13
N GLY A 191 -5.28 19.43 -7.34
CA GLY A 191 -4.74 20.67 -7.91
C GLY A 191 -4.80 21.82 -6.92
N ARG A 192 -4.63 21.51 -5.63
CA ARG A 192 -4.66 22.52 -4.58
C ARG A 192 -3.36 22.39 -3.77
N LEU A 193 -2.20 22.33 -4.46
CA LEU A 193 -0.88 22.22 -3.80
C LEU A 193 -0.60 23.37 -2.84
N GLU A 194 -1.00 24.61 -3.18
CA GLU A 194 -0.80 25.74 -2.30
C GLU A 194 -1.56 25.61 -1.00
N GLU A 195 -2.80 25.08 -1.04
CA GLU A 195 -3.57 24.84 0.18
C GLU A 195 -2.85 23.79 1.03
N ALA A 196 -2.30 22.75 0.37
CA ALA A 196 -1.55 21.66 1.01
C ALA A 196 -0.30 22.21 1.74
N LEU A 197 0.41 23.16 1.09
CA LEU A 197 1.59 23.83 1.65
C LEU A 197 1.23 24.72 2.83
N GLU A 198 0.06 25.44 2.77
CA GLU A 198 -0.43 26.24 3.89
C GLU A 198 -0.81 25.30 5.04
N LEU A 199 -1.49 24.16 4.75
CA LEU A 199 -1.85 23.22 5.81
C LEU A 199 -0.60 22.61 6.50
N PHE A 200 0.46 22.31 5.71
CA PHE A 200 1.73 21.82 6.23
C PHE A 200 2.32 22.85 7.22
N GLU A 201 2.21 24.16 6.91
CA GLU A 201 2.69 25.24 7.79
C GLU A 201 1.85 25.30 9.06
N GLU A 202 0.51 25.17 8.94
CA GLU A 202 -0.44 25.21 10.06
C GLU A 202 -0.22 24.01 10.98
N LYS A 204 2.76 22.42 11.51
CA LYS A 204 4.00 22.71 12.24
C LYS A 204 3.79 23.70 13.38
N GLU A 205 2.97 24.75 13.14
CA GLU A 205 2.62 25.78 14.14
C GLU A 205 1.82 25.19 15.31
N LYS A 206 1.10 24.09 15.06
CA LYS A 206 0.33 23.37 16.08
C LYS A 206 1.21 22.34 16.84
N GLY A 207 2.51 22.36 16.56
CA GLY A 207 3.51 21.50 17.18
C GLY A 207 3.59 20.08 16.65
N ILE A 208 2.96 19.81 15.48
CA ILE A 208 2.95 18.48 14.85
C ILE A 208 4.19 18.39 13.96
N VAL A 209 5.07 17.45 14.28
CA VAL A 209 6.32 17.32 13.54
C VAL A 209 6.14 16.42 12.31
N PRO A 210 6.55 16.85 11.09
CA PRO A 210 6.44 15.96 9.92
C PRO A 210 7.35 14.75 10.05
N ASP A 211 6.98 13.63 9.43
CA ASP A 211 7.83 12.45 9.37
C ASP A 211 8.21 12.27 7.88
N VAL A 212 8.91 11.16 7.50
CA VAL A 212 9.35 10.91 6.11
C VAL A 212 8.14 10.83 5.15
N VAL A 213 6.99 10.27 5.61
CA VAL A 213 5.76 10.15 4.81
C VAL A 213 5.21 11.55 4.44
N THR A 214 5.24 12.52 5.39
CA THR A 214 4.84 13.90 5.13
C THR A 214 5.70 14.50 3.99
N TYR A 215 7.03 14.32 4.08
CA TYR A 215 7.97 14.79 3.06
C TYR A 215 7.74 14.14 1.70
N ASN A 216 7.54 12.81 1.65
CA ASN A 216 7.25 12.05 0.43
C ASN A 216 5.99 12.58 -0.26
N THR A 217 4.97 12.93 0.54
CA THR A 217 3.70 13.51 0.08
C THR A 217 3.92 14.88 -0.55
N LEU A 218 4.70 15.75 0.12
CA LEU A 218 5.01 17.08 -0.40
C LEU A 218 5.81 16.96 -1.68
N ILE A 219 6.83 16.07 -1.70
CA ILE A 219 7.67 15.78 -2.88
C ILE A 219 6.80 15.35 -4.05
N SER A 220 5.89 14.39 -3.83
CA SER A 220 4.94 13.94 -4.84
C SER A 220 4.09 15.09 -5.39
N GLY A 221 3.44 15.85 -4.52
CA GLY A 221 2.63 17.00 -4.90
C GLY A 221 3.39 18.04 -5.71
N LEU A 222 4.61 18.41 -5.26
CA LEU A 222 5.46 19.38 -5.96
C LEU A 222 5.78 18.93 -7.40
N GLY A 223 6.18 17.67 -7.56
CA GLY A 223 6.50 17.08 -8.85
C GLY A 223 5.36 17.12 -9.84
N LYS A 224 4.15 16.79 -9.34
CA LYS A 224 2.89 16.79 -10.10
C LYS A 224 2.51 18.20 -10.58
N ALA A 225 2.84 19.25 -9.78
CA ALA A 225 2.52 20.64 -10.13
C ALA A 225 3.57 21.29 -11.04
N GLY A 226 4.47 20.48 -11.59
CA GLY A 226 5.55 20.93 -12.45
C GLY A 226 6.61 21.69 -11.66
N ARG A 227 6.84 21.29 -10.39
CA ARG A 227 7.79 21.93 -9.48
C ARG A 227 8.80 20.93 -8.94
N LEU A 228 9.38 20.16 -9.88
CA LEU A 228 10.40 19.16 -9.62
C LEU A 228 11.66 19.72 -8.95
N GLU A 229 12.03 20.98 -9.28
CA GLU A 229 13.21 21.61 -8.68
C GLU A 229 13.04 21.86 -7.18
N GLU A 230 11.83 22.27 -6.74
CA GLU A 230 11.50 22.44 -5.33
C GLU A 230 11.45 21.09 -4.62
N ALA A 231 10.99 20.02 -5.32
CA ALA A 231 10.94 18.67 -4.73
C ALA A 231 12.38 18.20 -4.42
N LEU A 232 13.31 18.39 -5.40
CA LEU A 232 14.73 18.01 -5.28
C LEU A 232 15.44 18.83 -4.22
N GLU A 233 15.05 20.12 -4.07
CA GLU A 233 15.59 21.05 -3.07
C GLU A 233 15.16 20.57 -1.68
N LEU A 234 13.89 20.13 -1.53
CA LEU A 234 13.31 19.61 -0.30
C LEU A 234 14.00 18.31 0.13
N PHE A 235 14.31 17.41 -0.83
CA PHE A 235 15.02 16.15 -0.62
C PHE A 235 16.49 16.43 -0.18
N GLU A 236 17.20 17.33 -0.88
CA GLU A 236 18.59 17.72 -0.60
C GLU A 236 18.75 18.41 0.76
N GLU A 237 17.61 18.83 1.35
CA GLU A 237 17.49 19.48 2.66
C GLU A 237 17.05 18.48 3.73
N LYS A 239 17.74 15.55 4.60
CA LYS A 239 18.84 14.85 5.25
C LYS A 239 19.36 15.68 6.44
N GLU A 240 19.44 17.02 6.27
CA GLU A 240 19.91 17.97 7.28
C GLU A 240 19.04 17.93 8.54
N LYS A 241 17.71 17.96 8.37
CA LYS A 241 16.75 17.88 9.48
C LYS A 241 16.73 16.49 10.16
N GLY A 242 17.62 15.60 9.72
CA GLY A 242 17.78 14.26 10.27
C GLY A 242 16.82 13.23 9.72
N ILE A 243 15.87 13.65 8.85
CA ILE A 243 14.88 12.76 8.24
C ILE A 243 15.60 11.91 7.18
N VAL A 244 15.46 10.59 7.30
CA VAL A 244 16.13 9.66 6.40
C VAL A 244 15.19 9.29 5.24
N PRO A 245 15.54 9.66 3.99
CA PRO A 245 14.72 9.21 2.84
C PRO A 245 14.59 7.69 2.80
N ASP A 246 13.41 7.20 2.38
CA ASP A 246 13.14 5.78 2.28
C ASP A 246 12.90 5.40 0.81
N VAL A 247 12.50 4.15 0.54
CA VAL A 247 12.25 3.63 -0.80
C VAL A 247 11.23 4.51 -1.54
N VAL A 248 10.19 4.98 -0.82
CA VAL A 248 9.13 5.81 -1.39
C VAL A 248 9.70 7.18 -1.82
N THR A 249 10.58 7.81 -1.00
CA THR A 249 11.19 9.12 -1.34
C THR A 249 11.88 9.00 -2.71
N TYR A 250 12.75 7.97 -2.85
CA TYR A 250 13.49 7.70 -4.07
C TYR A 250 12.58 7.38 -5.20
N ASN A 251 11.56 6.48 -4.99
CA ASN A 251 10.60 6.11 -6.05
C ASN A 251 9.90 7.30 -6.60
N THR A 252 9.50 8.23 -5.71
CA THR A 252 8.77 9.44 -6.10
C THR A 252 9.63 10.37 -6.93
N LEU A 253 10.86 10.62 -6.50
CA LEU A 253 11.77 11.52 -7.24
C LEU A 253 12.19 10.92 -8.57
N ILE A 254 12.40 9.59 -8.61
CA ILE A 254 12.75 8.85 -9.83
C ILE A 254 11.62 9.02 -10.85
N SER A 255 10.35 8.90 -10.39
CA SER A 255 9.17 9.09 -11.25
C SER A 255 9.13 10.52 -11.83
N GLY A 256 9.30 11.52 -10.96
CA GLY A 256 9.32 12.94 -11.34
C GLY A 256 10.39 13.22 -12.38
N LEU A 257 11.62 12.77 -12.11
CA LEU A 257 12.75 12.95 -13.04
C LEU A 257 12.51 12.24 -14.35
N GLY A 258 12.05 10.99 -14.28
CA GLY A 258 11.76 10.17 -15.45
C GLY A 258 10.64 10.71 -16.34
N LYS A 259 9.62 11.34 -15.73
CA LYS A 259 8.49 11.91 -16.47
C LYS A 259 8.92 13.18 -17.21
N ALA A 260 9.86 13.94 -16.63
CA ALA A 260 10.45 15.14 -17.23
C ALA A 260 11.54 14.76 -18.28
N GLY A 261 11.67 13.45 -18.55
CA GLY A 261 12.65 12.88 -19.48
C GLY A 261 14.08 12.91 -18.98
N ARG A 262 14.30 13.40 -17.72
CA ARG A 262 15.60 13.52 -17.07
C ARG A 262 16.03 12.13 -16.54
N LEU A 263 16.16 11.19 -17.48
CA LEU A 263 16.45 9.79 -17.23
C LEU A 263 17.80 9.52 -16.58
N GLU A 264 18.85 10.26 -16.97
CA GLU A 264 20.18 10.07 -16.39
C GLU A 264 20.17 10.36 -14.89
N GLU A 265 19.52 11.46 -14.48
CA GLU A 265 19.39 11.84 -13.06
C GLU A 265 18.55 10.82 -12.31
N ALA A 266 17.47 10.31 -12.92
CA ALA A 266 16.61 9.28 -12.33
C ALA A 266 17.48 8.03 -12.03
N LEU A 267 18.32 7.61 -13.00
CA LEU A 267 19.25 6.49 -12.81
C LEU A 267 20.33 6.79 -11.77
N GLU A 268 20.77 8.06 -11.64
CA GLU A 268 21.74 8.45 -10.62
C GLU A 268 21.17 8.17 -9.24
N LEU A 269 19.89 8.54 -9.03
CA LEU A 269 19.20 8.30 -7.77
C LEU A 269 19.01 6.82 -7.51
N PHE A 270 18.76 6.04 -8.57
CA PHE A 270 18.63 4.58 -8.44
C PHE A 270 19.96 3.99 -7.94
N GLU A 271 21.11 4.47 -8.46
CA GLU A 271 22.41 4.00 -8.00
C GLU A 271 22.67 4.50 -6.57
N GLU A 272 22.30 5.77 -6.28
CA GLU A 272 22.47 6.40 -4.96
C GLU A 272 21.67 5.65 -3.88
N LYS A 274 20.77 2.47 -3.88
CA LYS A 274 21.39 1.16 -3.68
C LYS A 274 22.63 1.26 -2.82
N GLU A 275 23.43 2.34 -2.99
CA GLU A 275 24.65 2.59 -2.21
C GLU A 275 24.29 2.83 -0.74
N LYS A 276 23.18 3.56 -0.49
CA LYS A 276 22.67 3.93 0.83
C LYS A 276 21.90 2.81 1.52
N GLY A 277 21.89 1.63 0.94
CA GLY A 277 21.21 0.46 1.48
C GLY A 277 19.71 0.43 1.32
N ILE A 278 19.14 1.38 0.54
CA ILE A 278 17.69 1.42 0.28
C ILE A 278 17.45 0.43 -0.87
N VAL A 279 16.63 -0.59 -0.62
CA VAL A 279 16.37 -1.69 -1.55
C VAL A 279 15.26 -1.36 -2.58
N PRO A 280 15.61 -1.30 -3.88
CA PRO A 280 14.58 -1.11 -4.92
C PRO A 280 13.49 -2.18 -4.87
N ASP A 281 12.26 -1.79 -5.13
CA ASP A 281 11.14 -2.73 -5.14
C ASP A 281 10.46 -2.72 -6.51
N VAL A 282 9.28 -3.35 -6.63
CA VAL A 282 8.51 -3.41 -7.88
C VAL A 282 8.18 -1.99 -8.39
N VAL A 283 7.90 -1.03 -7.48
CA VAL A 283 7.61 0.34 -7.88
C VAL A 283 8.86 1.00 -8.49
N THR A 284 10.05 0.79 -7.88
CA THR A 284 11.33 1.35 -8.38
C THR A 284 11.58 0.87 -9.81
N TYR A 285 11.57 -0.46 -10.02
CA TYR A 285 11.85 -1.05 -11.34
C TYR A 285 10.82 -0.69 -12.37
N THR A 286 9.53 -0.71 -12.01
CA THR A 286 8.48 -0.36 -12.95
C THR A 286 8.58 1.10 -13.39
N THR A 287 8.87 2.01 -12.46
CA THR A 287 9.03 3.42 -12.78
C THR A 287 10.17 3.64 -13.80
N LEU A 288 11.34 3.01 -13.57
CA LEU A 288 12.49 3.11 -14.46
C LEU A 288 12.24 2.49 -15.82
N ILE A 289 11.58 1.31 -15.85
CA ILE A 289 11.21 0.62 -17.09
C ILE A 289 10.30 1.52 -17.94
N SER A 290 9.36 2.25 -17.29
CA SER A 290 8.47 3.18 -17.97
C SER A 290 9.26 4.38 -18.54
N GLY A 291 10.14 4.95 -17.72
CA GLY A 291 11.01 6.06 -18.11
C GLY A 291 11.87 5.71 -19.30
N LEU A 292 12.48 4.51 -19.27
CA LEU A 292 13.36 4.02 -20.34
C LEU A 292 12.60 3.77 -21.63
N GLY A 293 11.50 3.02 -21.55
CA GLY A 293 10.63 2.70 -22.67
C GLY A 293 10.07 3.94 -23.37
N LYS A 294 9.62 4.95 -22.56
CA LYS A 294 9.07 6.23 -23.07
C LYS A 294 10.12 7.09 -23.77
N ALA A 295 11.40 6.99 -23.35
CA ALA A 295 12.52 7.70 -23.99
C ALA A 295 13.10 6.95 -25.21
N GLY A 296 12.45 5.87 -25.63
CA GLY A 296 12.85 5.05 -26.77
C GLY A 296 13.88 3.97 -26.46
N ARG A 297 14.42 3.98 -25.20
CA ARG A 297 15.43 3.02 -24.70
C ARG A 297 14.74 1.71 -24.31
N LEU A 298 14.10 1.06 -25.28
CA LEU A 298 13.31 -0.16 -25.07
C LEU A 298 14.17 -1.36 -24.72
N GLU A 299 15.36 -1.50 -25.34
CA GLU A 299 16.26 -2.62 -25.02
C GLU A 299 16.73 -2.55 -23.57
N GLU A 300 17.04 -1.34 -23.09
CA GLU A 300 17.41 -1.08 -21.70
C GLU A 300 16.26 -1.44 -20.77
N ALA A 301 15.02 -1.04 -21.13
CA ALA A 301 13.81 -1.34 -20.32
C ALA A 301 13.63 -2.87 -20.18
N LEU A 302 13.81 -3.62 -21.28
CA LEU A 302 13.71 -5.08 -21.30
C LEU A 302 14.82 -5.72 -20.47
N GLU A 303 16.04 -5.15 -20.52
CA GLU A 303 17.16 -5.66 -19.72
C GLU A 303 16.92 -5.39 -18.24
N LEU A 304 16.34 -4.22 -17.91
CA LEU A 304 16.04 -3.91 -16.52
C LEU A 304 14.93 -4.82 -15.97
N PHE A 305 13.99 -5.23 -16.85
CA PHE A 305 12.93 -6.18 -16.54
C PHE A 305 13.56 -7.57 -16.19
N GLU A 306 14.61 -8.00 -16.95
CA GLU A 306 15.39 -9.22 -16.68
C GLU A 306 16.07 -9.08 -15.30
N GLU A 307 16.77 -7.92 -15.05
CA GLU A 307 17.47 -7.63 -13.80
C GLU A 307 16.53 -7.72 -12.58
N LYS A 309 13.71 -9.42 -12.16
CA LYS A 309 13.40 -10.84 -11.89
C LYS A 309 14.58 -11.54 -11.19
N GLU A 310 15.83 -11.24 -11.63
CA GLU A 310 17.07 -11.81 -11.08
C GLU A 310 17.33 -11.39 -9.62
N LYS A 311 16.79 -10.24 -9.23
CA LYS A 311 16.86 -9.68 -7.88
C LYS A 311 15.66 -10.19 -7.04
N GLY A 312 14.86 -11.06 -7.62
CA GLY A 312 13.69 -11.65 -6.96
C GLY A 312 12.49 -10.74 -6.88
N ILE A 313 12.47 -9.64 -7.66
CA ILE A 313 11.32 -8.73 -7.67
C ILE A 313 10.28 -9.27 -8.65
N VAL A 314 9.05 -9.46 -8.18
CA VAL A 314 7.96 -10.01 -8.99
C VAL A 314 7.22 -8.91 -9.75
N PRO A 315 7.24 -8.95 -11.11
CA PRO A 315 6.48 -7.94 -11.87
C PRO A 315 4.97 -8.08 -11.64
N ASN A 316 4.24 -6.95 -11.67
CA ASN A 316 2.80 -6.96 -11.53
C ASN A 316 2.15 -6.44 -12.84
N VAL A 317 0.83 -6.19 -12.84
CA VAL A 317 0.07 -5.71 -14.01
C VAL A 317 0.64 -4.38 -14.55
N VAL A 318 1.09 -3.49 -13.67
CA VAL A 318 1.69 -2.20 -14.01
C VAL A 318 3.00 -2.44 -14.81
N THR A 319 3.88 -3.32 -14.31
CA THR A 319 5.14 -3.71 -14.98
C THR A 319 4.90 -4.25 -16.38
N TYR A 320 3.95 -5.20 -16.53
CA TYR A 320 3.67 -5.77 -17.84
C TYR A 320 3.05 -4.76 -18.80
N THR A 321 2.15 -3.92 -18.31
CA THR A 321 1.47 -2.91 -19.14
C THR A 321 2.45 -1.88 -19.70
N THR A 322 3.43 -1.43 -18.89
CA THR A 322 4.40 -0.45 -19.37
C THR A 322 5.26 -1.01 -20.48
N LEU A 323 5.63 -2.31 -20.39
CA LEU A 323 6.40 -2.94 -21.44
C LEU A 323 5.57 -3.23 -22.68
N ILE A 324 4.30 -3.62 -22.50
CA ILE A 324 3.36 -3.84 -23.63
C ILE A 324 3.23 -2.51 -24.39
N SER A 325 3.02 -1.40 -23.66
CA SER A 325 2.96 -0.05 -24.24
C SER A 325 4.24 0.29 -25.02
N GLY A 326 5.41 0.01 -24.44
CA GLY A 326 6.71 0.26 -25.06
C GLY A 326 6.89 -0.54 -26.33
N LEU A 327 6.70 -1.87 -26.25
CA LEU A 327 6.82 -2.80 -27.38
C LEU A 327 5.84 -2.46 -28.51
N GLY A 328 4.59 -2.15 -28.14
CA GLY A 328 3.52 -1.79 -29.07
C GLY A 328 3.84 -0.56 -29.90
N LYS A 329 4.27 0.53 -29.21
CA LYS A 329 4.66 1.82 -29.84
C LYS A 329 5.87 1.68 -30.77
N ALA A 330 6.72 0.66 -30.56
CA ALA A 330 7.88 0.37 -31.42
C ALA A 330 7.49 -0.59 -32.56
N GLY A 331 6.22 -0.99 -32.61
CA GLY A 331 5.70 -1.89 -33.63
C GLY A 331 6.12 -3.33 -33.42
N ARG A 332 6.50 -3.69 -32.18
CA ARG A 332 6.93 -5.04 -31.81
C ARG A 332 5.72 -5.72 -31.15
N LEU A 333 4.65 -5.84 -31.95
CA LEU A 333 3.35 -6.38 -31.52
C LEU A 333 3.42 -7.84 -31.15
N GLU A 334 4.26 -8.64 -31.83
CA GLU A 334 4.43 -10.06 -31.53
C GLU A 334 4.97 -10.23 -30.11
N GLU A 335 5.96 -9.39 -29.72
CA GLU A 335 6.58 -9.41 -28.40
C GLU A 335 5.61 -8.90 -27.33
N ALA A 336 4.82 -7.85 -27.66
CA ALA A 336 3.80 -7.29 -26.78
C ALA A 336 2.72 -8.37 -26.49
N LEU A 337 2.31 -9.13 -27.54
CA LEU A 337 1.33 -10.21 -27.40
C LEU A 337 1.83 -11.36 -26.53
N GLU A 338 3.10 -11.79 -26.72
CA GLU A 338 3.75 -12.85 -25.95
C GLU A 338 3.82 -12.46 -24.48
N LEU A 339 4.15 -11.18 -24.21
CA LEU A 339 4.22 -10.62 -22.88
C LEU A 339 2.85 -10.56 -22.26
N PHE A 340 1.80 -10.28 -23.08
CA PHE A 340 0.41 -10.26 -22.60
C PHE A 340 -0.03 -11.68 -22.21
N GLU A 341 0.47 -12.68 -22.97
CA GLU A 341 0.18 -14.09 -22.70
C GLU A 341 0.95 -14.59 -21.46
N GLU A 342 2.26 -14.23 -21.36
CA GLU A 342 3.11 -14.59 -20.22
C GLU A 342 2.53 -14.07 -18.90
N LYS A 344 -0.66 -13.29 -18.25
CA LYS A 344 -1.88 -14.05 -17.96
C LYS A 344 -1.50 -15.42 -17.35
N GLU A 345 -0.47 -16.09 -17.92
CA GLU A 345 0.07 -17.38 -17.45
C GLU A 345 0.52 -17.33 -15.98
N LYS A 346 1.10 -16.19 -15.54
CA LYS A 346 1.56 -15.99 -14.15
C LYS A 346 0.39 -15.65 -13.19
N GLY A 347 -0.83 -15.64 -13.73
CA GLY A 347 -2.03 -15.33 -12.96
C GLY A 347 -2.25 -13.86 -12.76
N ILE A 348 -1.52 -13.00 -13.49
CA ILE A 348 -1.69 -11.55 -13.38
C ILE A 348 -2.89 -11.15 -14.24
N VAL A 349 -3.88 -10.59 -13.58
CA VAL A 349 -5.15 -10.19 -14.22
C VAL A 349 -5.00 -8.82 -14.92
N PRO A 350 -5.29 -8.73 -16.23
CA PRO A 350 -5.23 -7.43 -16.91
C PRO A 350 -6.34 -6.49 -16.40
N ASP A 351 -6.10 -5.17 -16.44
CA ASP A 351 -7.13 -4.21 -16.08
C ASP A 351 -7.47 -3.41 -17.36
N VAL A 352 -8.36 -2.39 -17.28
CA VAL A 352 -8.77 -1.63 -18.46
C VAL A 352 -7.54 -0.97 -19.12
N VAL A 353 -6.56 -0.50 -18.31
CA VAL A 353 -5.33 0.08 -18.86
C VAL A 353 -4.59 -0.95 -19.71
N THR A 354 -4.45 -2.20 -19.23
CA THR A 354 -3.76 -3.25 -20.02
C THR A 354 -4.48 -3.47 -21.35
N TYR A 355 -5.82 -3.63 -21.32
CA TYR A 355 -6.58 -3.86 -22.55
C TYR A 355 -6.50 -2.71 -23.54
N THR A 356 -6.66 -1.47 -23.05
CA THR A 356 -6.67 -0.30 -23.95
C THR A 356 -5.30 -0.03 -24.54
N THR A 357 -4.23 -0.34 -23.78
CA THR A 357 -2.84 -0.21 -24.22
C THR A 357 -2.56 -1.21 -25.35
N LEU A 358 -2.90 -2.50 -25.12
CA LEU A 358 -2.69 -3.56 -26.09
C LEU A 358 -3.51 -3.34 -27.36
N ILE A 359 -4.77 -2.86 -27.23
CA ILE A 359 -5.63 -2.60 -28.41
C ILE A 359 -5.04 -1.46 -29.25
N SER A 360 -4.53 -0.41 -28.59
CA SER A 360 -3.91 0.75 -29.24
C SER A 360 -2.70 0.32 -30.09
N GLY A 361 -1.86 -0.57 -29.56
CA GLY A 361 -0.70 -1.11 -30.26
C GLY A 361 -1.06 -1.95 -31.46
N LEU A 362 -1.94 -2.95 -31.25
CA LEU A 362 -2.44 -3.87 -32.29
C LEU A 362 -3.30 -3.16 -33.37
N GLY A 363 -3.94 -2.06 -32.98
CA GLY A 363 -4.80 -1.28 -33.86
C GLY A 363 -4.08 -0.40 -34.87
N LYS A 364 -2.77 -0.17 -34.65
CA LYS A 364 -1.92 0.65 -35.53
C LYS A 364 -1.32 -0.20 -36.66
#